data_3L5O
#
_entry.id   3L5O
#
_cell.length_a   120.640
_cell.length_b   120.640
_cell.length_c   75.200
_cell.angle_alpha   90.000
_cell.angle_beta   90.000
_cell.angle_gamma   120.000
#
_symmetry.space_group_name_H-M   'P 61'
#
loop_
_entity.id
_entity.type
_entity.pdbx_description
1 polymer 'uncharacterized protein from DUF364 family'
2 non-polymer 'CHLORIDE ION'
3 non-polymer IMIDAZOLE
4 non-polymer 1,2-ETHANEDIOL
5 water water
#
_entity_poly.entity_id   1
_entity_poly.type   'polypeptide(L)'
_entity_poly.pdbx_seq_one_letter_code
;(MSE)GSDKIHHHHHHENLYFQG(MSE)WEIYDA(MSE)INGIPEDFLVDELVCGTTHSVIRSGNGVGLGPNRPFETR
(MSE)P(MSE)LTQNLLGLPLRVAAGCVKSWNYVEASIGLAAINAYYNNPQVAREHGVIFSDAKRVEDR(MSE)NDPFI
(MSE)SQNEVKGKKVGVVGHFPHLESLLEPICDLSILEWSPEEGDYPLPASEFILPECDYVYITCASVVDKTLPRLLELS
RNARRITLVGPGTPLAPVLFEHGLQELSGF(MSE)VKDNARAFRIVAGAEKVKIYSAGQKVTIKK
;
_entity_poly.pdbx_strand_id   A,B
#
loop_
_chem_comp.id
_chem_comp.type
_chem_comp.name
_chem_comp.formula
CL non-polymer 'CHLORIDE ION' 'Cl -1'
EDO non-polymer 1,2-ETHANEDIOL 'C2 H6 O2'
IMD non-polymer IMIDAZOLE 'C3 H5 N2 1'
#
# COMPACT_ATOMS: atom_id res chain seq x y z
N PHE A 17 19.29 5.26 2.00
CA PHE A 17 17.85 4.88 2.24
C PHE A 17 17.51 3.60 1.47
N GLN A 18 17.79 3.61 0.16
CA GLN A 18 17.57 2.43 -0.70
C GLN A 18 18.65 1.31 -0.61
N GLY A 19 19.19 1.08 0.59
CA GLY A 19 19.70 -0.23 1.02
C GLY A 19 18.55 -0.86 1.82
N MSE A 20 17.45 -1.12 1.13
CA MSE A 20 16.20 -1.48 1.78
C MSE A 20 16.02 -2.94 2.21
O MSE A 20 15.18 -3.21 3.06
CB MSE A 20 15.04 -1.09 0.91
CG MSE A 20 14.69 0.34 1.10
SE MSE A 20 13.25 0.66 -0.03
CE MSE A 20 12.27 2.19 1.07
N TRP A 21 16.78 -3.87 1.63
CA TRP A 21 16.77 -5.24 2.16
C TRP A 21 17.62 -5.36 3.44
N GLU A 22 18.33 -4.30 3.83
CA GLU A 22 19.32 -4.41 4.89
C GLU A 22 18.77 -4.90 6.18
N ILE A 23 17.59 -4.40 6.56
CA ILE A 23 16.96 -4.84 7.80
C ILE A 23 16.60 -6.32 7.74
N TYR A 24 16.20 -6.81 6.57
CA TYR A 24 15.90 -8.24 6.37
C TYR A 24 17.17 -9.08 6.41
N ASP A 25 18.20 -8.65 5.69
CA ASP A 25 19.51 -9.30 5.69
C ASP A 25 20.12 -9.35 7.11
N ALA A 26 20.00 -8.28 7.88
CA ALA A 26 20.45 -8.24 9.28
C ALA A 26 19.79 -9.33 10.12
N MSE A 27 18.48 -9.53 9.98
CA MSE A 27 17.75 -10.57 10.71
C MSE A 27 18.18 -11.95 10.28
O MSE A 27 18.45 -12.81 11.13
CB MSE A 27 16.24 -10.44 10.49
CG MSE A 27 15.62 -9.25 11.11
SE MSE A 27 13.66 -9.30 10.92
CE MSE A 27 13.35 -9.06 9.21
N ILE A 28 18.27 -12.16 8.98
CA ILE A 28 18.58 -13.49 8.43
C ILE A 28 20.01 -13.88 8.81
N ASN A 29 20.94 -12.94 8.67
CA ASN A 29 22.36 -13.26 8.83
C ASN A 29 22.74 -13.49 10.27
N GLY A 30 21.85 -13.12 11.20
CA GLY A 30 22.02 -13.43 12.59
C GLY A 30 21.65 -14.84 13.00
N ILE A 31 21.05 -15.63 12.12
CA ILE A 31 20.63 -16.99 12.45
C ILE A 31 21.79 -17.99 12.21
N PRO A 32 22.24 -18.71 13.24
CA PRO A 32 23.22 -19.78 13.04
C PRO A 32 22.63 -20.92 12.23
N GLU A 33 23.48 -21.46 11.36
CA GLU A 33 23.13 -22.57 10.47
C GLU A 33 22.61 -23.83 11.12
N ASP A 34 23.08 -24.08 12.34
CA ASP A 34 22.75 -25.28 13.10
C ASP A 34 21.24 -25.45 13.29
N PHE A 35 20.51 -24.33 13.29
CA PHE A 35 19.06 -24.37 13.53
C PHE A 35 18.31 -24.86 12.32
N LEU A 36 17.47 -25.90 12.51
CA LEU A 36 16.64 -26.46 11.42
C LEU A 36 15.19 -26.19 11.60
N VAL A 37 14.44 -26.22 10.48
CA VAL A 37 12.98 -26.20 10.49
C VAL A 37 12.57 -27.60 10.89
N ASP A 38 12.17 -27.77 12.15
CA ASP A 38 11.79 -29.13 12.64
C ASP A 38 10.29 -29.43 12.50
N GLU A 39 9.50 -28.37 12.40
CA GLU A 39 8.05 -28.47 12.31
C GLU A 39 7.54 -27.19 11.70
N LEU A 40 6.48 -27.28 10.90
CA LEU A 40 5.95 -26.14 10.18
C LEU A 40 4.48 -26.36 9.84
N VAL A 41 3.64 -25.42 10.28
CA VAL A 41 2.22 -25.42 9.93
C VAL A 41 1.82 -24.05 9.39
N CYS A 42 1.03 -24.09 8.31
CA CYS A 42 0.51 -22.89 7.66
CA CYS A 42 0.49 -22.90 7.67
C CYS A 42 -1.00 -22.87 7.91
N GLY A 43 -1.43 -22.01 8.82
CA GLY A 43 -2.84 -21.86 9.14
C GLY A 43 -3.44 -20.69 8.42
N THR A 44 -4.73 -20.45 8.66
CA THR A 44 -5.49 -19.38 8.00
C THR A 44 -5.02 -17.97 8.38
N THR A 45 -4.64 -17.80 9.64
CA THR A 45 -4.23 -16.50 10.17
C THR A 45 -2.75 -16.40 10.57
N HIS A 46 -2.09 -17.54 10.77
CA HIS A 46 -0.64 -17.53 11.01
C HIS A 46 0.03 -18.72 10.37
N SER A 47 1.33 -18.56 10.11
CA SER A 47 2.26 -19.64 9.87
C SER A 47 3.11 -19.81 11.13
N VAL A 48 3.51 -21.04 11.43
CA VAL A 48 4.27 -21.34 12.64
C VAL A 48 5.40 -22.37 12.35
N ILE A 49 6.58 -22.09 12.88
CA ILE A 49 7.73 -22.96 12.77
C ILE A 49 8.33 -23.24 14.15
N ARG A 50 8.68 -24.49 14.39
CA ARG A 50 9.54 -24.91 15.51
C ARG A 50 10.93 -25.25 15.01
N SER A 51 11.94 -24.73 15.69
CA SER A 51 13.33 -25.20 15.56
C SER A 51 13.79 -25.50 16.96
N GLY A 52 14.09 -26.78 17.24
CA GLY A 52 14.30 -27.26 18.60
C GLY A 52 13.18 -26.91 19.59
N ASN A 53 13.55 -26.19 20.65
CA ASN A 53 12.63 -25.67 21.67
C ASN A 53 11.98 -24.29 21.34
N GLY A 54 12.32 -23.71 20.19
CA GLY A 54 11.89 -22.36 19.86
C GLY A 54 10.78 -22.37 18.83
N VAL A 55 9.79 -21.51 19.04
CA VAL A 55 8.67 -21.39 18.13
C VAL A 55 8.47 -19.94 17.69
N GLY A 56 8.45 -19.73 16.37
CA GLY A 56 8.15 -18.45 15.78
C GLY A 56 6.89 -18.44 14.95
N LEU A 57 6.31 -17.24 14.83
CA LEU A 57 5.02 -16.98 14.20
C LEU A 57 5.16 -15.89 13.14
N GLY A 58 4.37 -16.02 12.07
CA GLY A 58 4.21 -14.94 11.10
C GLY A 58 2.74 -14.83 10.67
N PRO A 59 2.22 -13.62 10.43
CA PRO A 59 0.80 -13.44 10.07
C PRO A 59 0.44 -13.68 8.59
N ASN A 60 -0.72 -14.32 8.37
CA ASN A 60 -1.32 -14.56 7.05
C ASN A 60 -2.58 -13.73 6.88
N ARG A 61 -3.13 -13.69 5.68
CA ARG A 61 -4.48 -13.14 5.45
C ARG A 61 -5.42 -14.28 5.05
N PRO A 62 -6.73 -14.12 5.26
CA PRO A 62 -7.72 -15.05 4.66
C PRO A 62 -7.82 -14.88 3.13
N PHE A 63 -7.49 -13.69 2.62
CA PHE A 63 -7.33 -13.45 1.19
C PHE A 63 -6.32 -14.44 0.57
N GLU A 64 -5.03 -14.24 0.87
CA GLU A 64 -3.92 -15.03 0.31
C GLU A 64 -4.16 -16.55 0.29
N THR A 65 -3.60 -17.22 -0.74
CA THR A 65 -3.82 -18.66 -1.00
C THR A 65 -2.63 -19.59 -0.67
N ARG A 66 -2.93 -20.76 -0.11
CA ARG A 66 -1.93 -21.66 0.48
C ARG A 66 -0.94 -22.25 -0.51
N MSE A 67 0.11 -22.86 0.04
CA MSE A 67 1.19 -23.45 -0.74
C MSE A 67 1.68 -24.72 -0.07
O MSE A 67 2.76 -24.75 0.54
CB MSE A 67 2.35 -22.46 -0.86
CG MSE A 67 1.99 -21.13 -1.47
SE MSE A 67 3.51 -19.98 -1.25
CE MSE A 67 4.53 -20.62 -2.86
N PRO A 68 0.88 -25.79 -0.18
CA PRO A 68 1.17 -27.05 0.53
C PRO A 68 2.52 -27.68 0.16
N MSE A 69 3.04 -27.36 -1.02
CA MSE A 69 4.22 -28.01 -1.57
C MSE A 69 5.52 -27.32 -1.12
O MSE A 69 6.55 -27.97 -0.92
CB MSE A 69 4.14 -28.05 -3.10
CG MSE A 69 2.76 -28.48 -3.69
SE MSE A 69 2.39 -30.44 -3.75
CE MSE A 69 3.47 -30.95 -5.36
N LEU A 70 5.49 -26.00 -0.98
CA LEU A 70 6.60 -25.27 -0.35
C LEU A 70 6.77 -25.74 1.10
N THR A 71 5.65 -25.89 1.79
CA THR A 71 5.61 -26.27 3.19
C THR A 71 6.39 -27.55 3.44
N GLN A 72 6.07 -28.59 2.67
CA GLN A 72 6.75 -29.87 2.77
C GLN A 72 8.27 -29.75 2.59
N ASN A 73 8.72 -28.98 1.59
CA ASN A 73 10.14 -28.85 1.27
C ASN A 73 10.99 -28.19 2.35
N LEU A 74 10.40 -27.27 3.11
CA LEU A 74 11.20 -26.51 4.06
C LEU A 74 11.59 -27.35 5.26
N LEU A 75 10.80 -28.38 5.55
CA LEU A 75 11.13 -29.30 6.64
C LEU A 75 12.50 -29.88 6.45
N GLY A 76 13.33 -29.79 7.48
CA GLY A 76 14.68 -30.29 7.42
C GLY A 76 15.72 -29.26 7.04
N LEU A 77 15.33 -28.19 6.36
CA LEU A 77 16.30 -27.21 5.88
C LEU A 77 16.76 -26.37 7.03
N PRO A 78 17.95 -25.79 6.91
CA PRO A 78 18.34 -24.74 7.85
C PRO A 78 17.32 -23.66 7.95
N LEU A 79 17.08 -23.28 9.19
CA LEU A 79 16.22 -22.18 9.51
C LEU A 79 16.62 -20.91 8.76
N ARG A 80 17.92 -20.70 8.59
CA ARG A 80 18.36 -19.50 7.89
C ARG A 80 18.03 -19.53 6.40
N VAL A 81 17.99 -20.72 5.82
CA VAL A 81 17.61 -20.88 4.41
C VAL A 81 16.09 -20.59 4.25
N ALA A 82 15.28 -21.21 5.08
CA ALA A 82 13.85 -20.94 5.15
C ALA A 82 13.51 -19.44 5.43
N ALA A 83 14.34 -18.75 6.23
CA ALA A 83 14.16 -17.34 6.54
C ALA A 83 14.26 -16.46 5.30
N GLY A 84 15.05 -16.88 4.30
CA GLY A 84 15.08 -16.23 3.00
C GLY A 84 13.71 -16.05 2.35
N CYS A 85 12.76 -16.89 2.73
CA CYS A 85 11.38 -16.74 2.26
C CYS A 85 10.70 -15.44 2.70
N VAL A 86 11.20 -14.81 3.76
CA VAL A 86 10.65 -13.54 4.26
C VAL A 86 10.68 -12.46 3.18
N LYS A 87 11.60 -12.59 2.23
CA LYS A 87 11.75 -11.62 1.17
C LYS A 87 10.83 -11.86 -0.02
N SER A 88 10.03 -12.91 0.05
CA SER A 88 9.16 -13.26 -1.07
C SER A 88 8.05 -12.24 -1.28
N TRP A 89 7.71 -12.01 -2.55
CA TRP A 89 6.56 -11.13 -2.88
C TRP A 89 5.26 -11.89 -2.86
N ASN A 90 5.34 -13.18 -2.59
CA ASN A 90 4.20 -14.01 -2.24
C ASN A 90 4.09 -13.95 -0.73
N TYR A 91 3.04 -13.31 -0.23
CA TYR A 91 2.90 -13.05 1.20
C TYR A 91 2.67 -14.29 2.10
N VAL A 92 2.11 -15.38 1.59
CA VAL A 92 2.05 -16.61 2.39
C VAL A 92 3.47 -17.20 2.61
N GLU A 93 4.30 -17.17 1.57
CA GLU A 93 5.68 -17.59 1.65
C GLU A 93 6.46 -16.67 2.61
N ALA A 94 6.25 -15.37 2.50
CA ALA A 94 6.92 -14.39 3.38
C ALA A 94 6.56 -14.61 4.83
N SER A 95 5.32 -14.99 5.10
CA SER A 95 4.88 -15.24 6.48
CA SER A 95 4.87 -15.25 6.48
C SER A 95 5.63 -16.43 7.08
N ILE A 96 5.89 -17.45 6.27
CA ILE A 96 6.72 -18.62 6.66
C ILE A 96 8.16 -18.22 6.97
N GLY A 97 8.73 -17.37 6.12
CA GLY A 97 10.04 -16.77 6.35
C GLY A 97 10.13 -16.04 7.66
N LEU A 98 9.11 -15.25 8.01
CA LEU A 98 9.13 -14.58 9.31
C LEU A 98 8.94 -15.56 10.48
N ALA A 99 8.09 -16.57 10.32
CA ALA A 99 8.02 -17.63 11.32
C ALA A 99 9.40 -18.29 11.60
N ALA A 100 10.19 -18.53 10.54
CA ALA A 100 11.51 -19.10 10.66
C ALA A 100 12.46 -18.14 11.39
N ILE A 101 12.44 -16.87 11.01
CA ILE A 101 13.21 -15.86 11.77
C ILE A 101 12.88 -15.92 13.26
N ASN A 102 11.59 -16.00 13.58
CA ASN A 102 11.16 -15.88 14.97
C ASN A 102 11.41 -17.17 15.75
N ALA A 103 11.59 -18.28 15.05
CA ALA A 103 11.96 -19.56 15.68
C ALA A 103 13.35 -19.47 16.27
N TYR A 104 14.27 -18.74 15.62
CA TYR A 104 15.58 -18.46 16.27
C TYR A 104 15.41 -17.39 17.38
N TYR A 105 15.10 -16.15 17.01
CA TYR A 105 15.18 -15.03 17.99
C TYR A 105 14.27 -15.13 19.21
N ASN A 106 13.12 -15.78 19.01
CA ASN A 106 12.09 -15.88 20.05
C ASN A 106 12.10 -17.23 20.76
N ASN A 107 13.17 -17.99 20.54
CA ASN A 107 13.51 -19.15 21.34
C ASN A 107 13.76 -18.60 22.74
N PRO A 108 13.19 -19.19 23.79
CA PRO A 108 13.35 -18.64 25.15
C PRO A 108 14.83 -18.51 25.57
N GLN A 109 15.67 -19.50 25.31
CA GLN A 109 17.09 -19.39 25.61
C GLN A 109 17.83 -18.34 24.76
N VAL A 110 17.47 -18.20 23.47
CA VAL A 110 18.16 -17.23 22.60
C VAL A 110 17.81 -15.82 23.03
N ALA A 111 16.52 -15.62 23.29
CA ALA A 111 15.99 -14.34 23.71
C ALA A 111 16.66 -13.88 25.00
N ARG A 112 16.75 -14.79 25.96
CA ARG A 112 17.45 -14.51 27.23
C ARG A 112 18.91 -14.10 27.03
N GLU A 113 19.62 -14.76 26.12
CA GLU A 113 21.00 -14.42 25.80
C GLU A 113 21.13 -13.03 25.16
N HIS A 114 20.10 -12.59 24.46
CA HIS A 114 20.03 -11.26 23.84
C HIS A 114 19.39 -10.18 24.75
N GLY A 115 19.15 -10.50 26.03
CA GLY A 115 18.69 -9.52 27.02
C GLY A 115 17.19 -9.32 27.14
N VAL A 116 16.42 -10.32 26.75
CA VAL A 116 14.97 -10.30 26.92
C VAL A 116 14.62 -10.95 28.25
N ILE A 117 13.76 -10.28 29.04
CA ILE A 117 13.39 -10.79 30.37
C ILE A 117 11.91 -11.23 30.40
N PHE A 118 11.69 -12.39 31.01
CA PHE A 118 10.35 -12.99 31.12
C PHE A 118 10.35 -14.17 32.11
N SER A 119 9.15 -14.58 32.53
CA SER A 119 8.95 -15.67 33.50
C SER A 119 8.63 -17.01 32.80
N ASP A 120 8.98 -18.10 33.48
CA ASP A 120 8.61 -19.45 33.04
C ASP A 120 7.33 -19.88 33.75
N ALA A 121 6.20 -19.28 33.37
CA ALA A 121 4.91 -19.58 33.99
C ALA A 121 3.75 -19.15 33.09
N ASN A 129 3.88 -4.73 29.96
CA ASN A 129 3.41 -5.84 29.12
C ASN A 129 2.97 -5.40 27.70
N ASP A 130 1.72 -4.93 27.59
CA ASP A 130 1.14 -4.38 26.37
C ASP A 130 1.79 -3.03 26.08
N PRO A 131 2.30 -2.79 24.87
CA PRO A 131 3.07 -1.58 24.61
C PRO A 131 2.22 -0.32 24.56
N PHE A 132 0.94 -0.47 24.25
CA PHE A 132 0.03 0.68 24.14
C PHE A 132 -0.30 1.17 25.55
N ILE A 133 -0.59 0.22 26.44
CA ILE A 133 -0.81 0.51 27.85
C ILE A 133 0.44 1.04 28.54
N MSE A 134 1.56 0.40 28.30
CA MSE A 134 2.85 0.88 28.81
C MSE A 134 3.12 2.35 28.55
O MSE A 134 3.75 3.01 29.36
CB MSE A 134 3.99 0.14 28.15
CG MSE A 134 4.31 -1.23 28.69
SE MSE A 134 5.84 -1.88 27.60
CE MSE A 134 7.27 -1.66 28.98
N SER A 135 2.70 2.85 27.38
CA SER A 135 3.10 4.19 26.94
C SER A 135 1.98 5.24 26.97
N GLN A 136 0.93 4.99 27.76
CA GLN A 136 -0.17 5.95 27.87
C GLN A 136 0.27 7.28 28.43
N ASN A 137 1.02 7.25 29.52
CA ASN A 137 1.57 8.47 30.11
C ASN A 137 2.47 9.24 29.15
N GLU A 138 3.34 8.52 28.46
CA GLU A 138 4.35 9.11 27.60
C GLU A 138 3.78 9.86 26.39
N VAL A 139 2.70 9.34 25.83
CA VAL A 139 2.11 9.86 24.59
C VAL A 139 1.02 10.88 24.81
N LYS A 140 0.71 11.19 26.08
CA LYS A 140 -0.33 12.15 26.41
C LYS A 140 -0.04 13.49 25.75
N GLY A 141 -1.02 14.01 25.01
CA GLY A 141 -0.91 15.29 24.33
C GLY A 141 -0.05 15.29 23.08
N LYS A 142 0.43 14.13 22.67
CA LYS A 142 1.39 14.03 21.57
C LYS A 142 0.71 13.48 20.32
N LYS A 143 1.39 13.62 19.20
CA LYS A 143 0.91 13.04 17.95
C LYS A 143 1.39 11.61 17.74
N VAL A 144 0.43 10.70 17.59
CA VAL A 144 0.72 9.27 17.54
C VAL A 144 0.17 8.62 16.26
N GLY A 145 1.02 7.84 15.61
CA GLY A 145 0.65 7.18 14.38
C GLY A 145 0.77 5.68 14.63
N VAL A 146 -0.27 4.93 14.27
CA VAL A 146 -0.31 3.47 14.39
C VAL A 146 -0.61 2.84 13.03
N VAL A 147 0.26 1.94 12.57
CA VAL A 147 0.03 1.19 11.35
C VAL A 147 -0.36 -0.26 11.71
N GLY A 148 -1.56 -0.67 11.30
CA GLY A 148 -2.09 -1.98 11.58
C GLY A 148 -3.38 -1.93 12.35
N HIS A 149 -4.01 -3.08 12.40
CA HIS A 149 -5.24 -3.26 13.13
C HIS A 149 -4.92 -3.85 14.53
N PHE A 150 -5.20 -3.08 15.56
CA PHE A 150 -5.05 -3.52 16.95
C PHE A 150 -6.39 -3.35 17.66
N PRO A 151 -6.98 -4.44 18.12
CA PRO A 151 -8.27 -4.32 18.81
C PRO A 151 -8.28 -3.29 19.94
N HIS A 152 -9.33 -2.48 20.00
CA HIS A 152 -9.65 -1.53 21.10
C HIS A 152 -8.72 -0.36 21.22
N LEU A 153 -7.81 -0.21 20.27
CA LEU A 153 -6.74 0.77 20.40
C LEU A 153 -7.28 2.19 20.50
N GLU A 154 -8.33 2.46 19.73
CA GLU A 154 -9.03 3.72 19.72
C GLU A 154 -9.53 4.11 21.11
N SER A 155 -10.05 3.14 21.84
CA SER A 155 -10.51 3.38 23.19
C SER A 155 -9.36 3.70 24.18
N LEU A 156 -8.20 3.09 23.97
CA LEU A 156 -7.03 3.27 24.87
C LEU A 156 -6.30 4.58 24.60
N LEU A 157 -6.12 4.91 23.33
CA LEU A 157 -5.29 6.03 22.94
C LEU A 157 -6.02 7.29 22.51
N GLU A 158 -7.15 7.17 21.83
CA GLU A 158 -7.77 8.39 21.29
C GLU A 158 -8.13 9.47 22.34
N PRO A 159 -8.59 9.10 23.54
CA PRO A 159 -8.93 10.10 24.57
C PRO A 159 -7.73 10.91 25.08
N ILE A 160 -6.53 10.35 25.02
CA ILE A 160 -5.32 10.97 25.60
C ILE A 160 -4.29 11.54 24.62
N CYS A 161 -4.45 11.31 23.32
CA CYS A 161 -3.50 11.81 22.36
C CYS A 161 -4.17 12.11 21.03
N ASP A 162 -3.38 12.68 20.12
CA ASP A 162 -3.77 12.93 18.75
C ASP A 162 -3.39 11.67 17.94
N LEU A 163 -4.36 10.78 17.78
CA LEU A 163 -4.15 9.45 17.21
C LEU A 163 -4.57 9.38 15.76
N SER A 164 -3.67 8.82 14.93
CA SER A 164 -4.02 8.37 13.57
C SER A 164 -3.71 6.88 13.38
N ILE A 165 -4.72 6.13 12.93
CA ILE A 165 -4.63 4.70 12.62
C ILE A 165 -4.66 4.58 11.11
N LEU A 166 -3.68 3.84 10.58
CA LEU A 166 -3.48 3.60 9.13
C LEU A 166 -3.56 2.12 8.92
N GLU A 167 -4.38 1.68 7.96
CA GLU A 167 -4.52 0.26 7.62
C GLU A 167 -4.66 0.06 6.11
N TRP A 168 -4.33 -1.13 5.61
CA TRP A 168 -4.57 -1.49 4.19
C TRP A 168 -5.99 -1.32 3.83
N SER A 169 -6.88 -1.81 4.71
CA SER A 169 -8.31 -1.76 4.49
C SER A 169 -8.91 -1.06 5.68
N PRO A 170 -8.97 0.27 5.65
CA PRO A 170 -9.32 1.00 6.86
C PRO A 170 -10.78 0.88 7.31
N GLU A 171 -10.97 0.83 8.63
CA GLU A 171 -12.29 0.94 9.24
C GLU A 171 -12.67 2.40 9.24
N GLU A 172 -13.88 2.70 9.71
CA GLU A 172 -14.47 4.00 9.46
C GLU A 172 -13.64 5.23 9.88
N GLY A 173 -13.11 5.25 11.09
CA GLY A 173 -12.28 6.42 11.47
C GLY A 173 -10.83 6.45 10.99
N ASP A 174 -10.42 5.48 10.18
CA ASP A 174 -9.02 5.23 9.91
C ASP A 174 -8.59 5.63 8.51
N TYR A 175 -7.27 5.69 8.31
CA TYR A 175 -6.68 6.15 7.07
C TYR A 175 -6.18 4.98 6.29
N PRO A 176 -6.22 5.07 4.97
CA PRO A 176 -5.57 4.06 4.14
C PRO A 176 -4.07 4.24 4.22
N LEU A 177 -3.36 3.18 3.88
CA LEU A 177 -1.95 3.12 4.01
C LEU A 177 -1.12 4.19 3.25
N PRO A 178 -1.50 4.61 2.05
CA PRO A 178 -0.79 5.73 1.40
C PRO A 178 -0.73 7.03 2.23
N ALA A 179 -1.59 7.20 3.22
CA ALA A 179 -1.57 8.35 4.09
C ALA A 179 -0.35 8.39 4.99
N SER A 180 0.37 7.28 5.12
CA SER A 180 1.64 7.22 5.85
C SER A 180 2.63 8.29 5.40
N GLU A 181 2.70 8.54 4.10
CA GLU A 181 3.59 9.55 3.55
C GLU A 181 3.29 10.95 4.09
N PHE A 182 2.02 11.18 4.40
CA PHE A 182 1.51 12.46 4.82
C PHE A 182 1.52 12.57 6.34
N ILE A 183 1.29 11.47 7.05
CA ILE A 183 1.02 11.53 8.48
C ILE A 183 2.23 11.17 9.33
N LEU A 184 2.93 10.09 8.99
CA LEU A 184 3.98 9.60 9.87
C LEU A 184 5.12 10.58 10.14
N PRO A 185 5.57 11.37 9.16
CA PRO A 185 6.61 12.39 9.44
C PRO A 185 6.24 13.45 10.49
N GLU A 186 4.93 13.63 10.76
CA GLU A 186 4.48 14.55 11.81
C GLU A 186 4.39 13.90 13.20
N CYS A 187 4.61 12.59 13.30
CA CYS A 187 4.32 11.86 14.54
C CYS A 187 5.48 11.84 15.52
N ASP A 188 5.16 12.11 16.79
CA ASP A 188 6.11 11.97 17.88
C ASP A 188 6.37 10.52 18.27
N TYR A 189 5.35 9.68 18.15
CA TYR A 189 5.46 8.26 18.48
C TYR A 189 4.78 7.46 17.39
N VAL A 190 5.40 6.37 16.98
CA VAL A 190 4.86 5.50 15.93
C VAL A 190 4.91 4.04 16.36
N TYR A 191 3.80 3.33 16.16
CA TYR A 191 3.72 1.89 16.33
C TYR A 191 3.36 1.24 15.00
N ILE A 192 4.07 0.17 14.65
CA ILE A 192 3.87 -0.48 13.38
C ILE A 192 3.69 -1.98 13.62
N THR A 193 2.61 -2.52 13.08
CA THR A 193 2.41 -3.93 13.04
C THR A 193 3.57 -4.73 12.39
N CYS A 194 3.85 -5.89 12.98
CA CYS A 194 4.93 -6.76 12.48
C CYS A 194 4.52 -7.33 11.11
N ALA A 195 3.22 -7.24 10.74
CA ALA A 195 2.78 -7.59 9.37
C ALA A 195 3.53 -6.79 8.31
N SER A 196 4.08 -5.63 8.68
CA SER A 196 4.84 -4.82 7.76
C SER A 196 6.15 -5.47 7.32
N VAL A 197 6.69 -6.38 8.11
CA VAL A 197 7.85 -7.17 7.70
C VAL A 197 7.46 -8.03 6.53
N VAL A 198 6.32 -8.70 6.68
CA VAL A 198 5.85 -9.63 5.66
C VAL A 198 5.53 -8.93 4.33
N ASP A 199 4.85 -7.79 4.39
CA ASP A 199 4.50 -7.17 3.11
C ASP A 199 5.53 -6.17 2.56
N LYS A 200 6.64 -6.00 3.28
CA LYS A 200 7.76 -5.16 2.82
C LYS A 200 7.46 -3.66 2.81
N THR A 201 6.47 -3.25 3.58
CA THR A 201 6.21 -1.81 3.79
C THR A 201 7.13 -1.24 4.85
N LEU A 202 7.71 -2.11 5.66
CA LEU A 202 8.44 -1.66 6.85
C LEU A 202 9.57 -0.67 6.54
N PRO A 203 10.47 -0.94 5.60
CA PRO A 203 11.60 -0.01 5.41
C PRO A 203 11.12 1.41 5.12
N ARG A 204 10.09 1.59 4.28
CA ARG A 204 9.66 2.96 3.97
C ARG A 204 8.99 3.58 5.21
N LEU A 205 8.21 2.79 5.94
CA LEU A 205 7.58 3.26 7.15
C LEU A 205 8.60 3.75 8.16
N LEU A 206 9.67 3.00 8.31
CA LEU A 206 10.79 3.41 9.17
C LEU A 206 11.41 4.73 8.76
N GLU A 207 11.63 4.93 7.46
CA GLU A 207 12.18 6.20 6.96
C GLU A 207 11.20 7.36 7.18
N LEU A 208 9.91 7.14 6.95
CA LEU A 208 8.92 8.17 7.21
C LEU A 208 8.87 8.58 8.69
N SER A 209 9.12 7.61 9.57
CA SER A 209 8.97 7.81 11.01
C SER A 209 10.28 8.17 11.71
N ARG A 210 11.38 8.31 10.97
CA ARG A 210 12.71 8.32 11.59
C ARG A 210 12.91 9.44 12.65
N ASN A 211 12.15 10.52 12.56
CA ASN A 211 12.24 11.60 13.53
C ASN A 211 11.22 11.55 14.68
N ALA A 212 10.41 10.49 14.76
CA ALA A 212 9.67 10.19 15.99
C ALA A 212 10.62 10.07 17.20
N ARG A 213 10.16 10.40 18.40
CA ARG A 213 10.94 10.08 19.60
C ARG A 213 11.10 8.55 19.76
N ARG A 214 10.10 7.80 19.34
CA ARG A 214 10.17 6.36 19.39
C ARG A 214 9.29 5.66 18.37
N ILE A 215 9.84 4.60 17.76
CA ILE A 215 9.16 3.70 16.84
C ILE A 215 9.20 2.28 17.43
N THR A 216 8.03 1.65 17.51
CA THR A 216 7.83 0.32 18.10
C THR A 216 7.24 -0.60 17.06
N LEU A 217 7.80 -1.80 16.92
CA LEU A 217 7.24 -2.91 16.12
C LEU A 217 6.48 -3.81 17.04
N VAL A 218 5.22 -4.12 16.71
CA VAL A 218 4.30 -4.77 17.63
C VAL A 218 3.58 -5.92 17.01
N GLY A 219 3.41 -6.99 17.78
CA GLY A 219 2.57 -8.09 17.40
C GLY A 219 3.32 -9.41 17.60
N PRO A 220 2.59 -10.51 17.50
CA PRO A 220 3.15 -11.84 17.72
C PRO A 220 4.30 -12.25 16.80
N GLY A 221 4.33 -11.68 15.59
CA GLY A 221 5.37 -11.90 14.61
C GLY A 221 6.57 -10.94 14.66
N THR A 222 6.70 -10.22 15.77
CA THR A 222 7.84 -9.35 15.98
C THR A 222 9.03 -10.20 16.44
N PRO A 223 10.15 -10.11 15.71
CA PRO A 223 11.40 -10.72 16.15
C PRO A 223 12.02 -9.94 17.30
N LEU A 224 12.46 -10.66 18.32
CA LEU A 224 13.04 -10.08 19.50
C LEU A 224 14.55 -9.98 19.31
N ALA A 225 14.90 -9.21 18.29
CA ALA A 225 16.21 -9.18 17.66
C ALA A 225 16.79 -7.78 17.85
N PRO A 226 17.58 -7.61 18.91
CA PRO A 226 18.19 -6.31 19.21
C PRO A 226 18.95 -5.67 18.05
N VAL A 227 19.38 -6.46 17.06
CA VAL A 227 20.00 -5.90 15.86
C VAL A 227 19.07 -4.89 15.17
N LEU A 228 17.76 -5.10 15.29
CA LEU A 228 16.78 -4.14 14.79
C LEU A 228 16.92 -2.72 15.36
N PHE A 229 17.50 -2.58 16.55
CA PHE A 229 17.70 -1.26 17.17
C PHE A 229 18.80 -0.46 16.45
N GLU A 230 19.57 -1.16 15.63
CA GLU A 230 20.59 -0.59 14.77
C GLU A 230 20.01 -0.27 13.39
N HIS A 231 18.73 -0.61 13.19
CA HIS A 231 18.07 -0.48 11.89
C HIS A 231 16.78 0.32 11.97
N GLY A 232 16.76 1.35 12.83
CA GLY A 232 15.70 2.35 12.80
C GLY A 232 14.49 2.12 13.68
N LEU A 233 14.56 1.11 14.55
CA LEU A 233 13.57 0.84 15.57
C LEU A 233 14.12 1.09 16.99
N GLN A 234 13.27 1.54 17.91
CA GLN A 234 13.67 1.74 19.31
C GLN A 234 12.94 0.83 20.31
N GLU A 235 11.95 0.06 19.85
CA GLU A 235 11.27 -0.88 20.73
C GLU A 235 10.64 -2.01 19.94
N LEU A 236 10.64 -3.19 20.56
CA LEU A 236 10.08 -4.37 19.95
C LEU A 236 9.16 -5.02 20.96
N SER A 237 7.90 -5.12 20.59
CA SER A 237 6.88 -5.66 21.47
CA SER A 237 6.89 -5.68 21.49
C SER A 237 6.30 -6.90 20.83
N GLY A 238 6.74 -8.07 21.27
CA GLY A 238 6.27 -9.31 20.70
C GLY A 238 5.72 -10.28 21.71
N PHE A 239 6.10 -11.54 21.53
CA PHE A 239 5.38 -12.66 22.11
C PHE A 239 6.36 -13.82 22.29
N MSE A 240 6.38 -14.40 23.49
CA MSE A 240 7.15 -15.62 23.76
C MSE A 240 6.18 -16.79 23.85
O MSE A 240 5.31 -16.79 24.70
CB MSE A 240 7.91 -15.44 25.08
CG MSE A 240 8.71 -16.60 25.59
SE MSE A 240 10.00 -17.07 24.28
CE MSE A 240 10.86 -15.23 24.09
N VAL A 241 6.29 -17.77 22.97
CA VAL A 241 5.52 -19.01 23.16
C VAL A 241 6.07 -19.82 24.36
N LYS A 242 5.23 -20.14 25.33
CA LYS A 242 5.62 -21.01 26.45
C LYS A 242 5.09 -22.44 26.32
N ASP A 243 4.07 -22.62 25.47
CA ASP A 243 3.44 -23.92 25.24
C ASP A 243 3.54 -24.17 23.73
N ASN A 244 4.63 -24.83 23.33
CA ASN A 244 4.92 -25.15 21.93
C ASN A 244 3.82 -25.98 21.28
N ALA A 245 3.50 -27.11 21.90
CA ALA A 245 2.45 -28.00 21.40
C ALA A 245 1.12 -27.25 21.22
N ARG A 246 0.82 -26.37 22.17
CA ARG A 246 -0.45 -25.65 22.15
C ARG A 246 -0.49 -24.58 21.07
N ALA A 247 0.61 -23.85 20.91
CA ALA A 247 0.74 -22.87 19.84
C ALA A 247 0.40 -23.46 18.47
N PHE A 248 0.87 -24.68 18.21
CA PHE A 248 0.56 -25.38 16.96
C PHE A 248 -0.90 -25.78 16.86
N ARG A 249 -1.49 -26.23 17.96
CA ARG A 249 -2.91 -26.56 17.99
C ARG A 249 -3.71 -25.35 17.55
N ILE A 250 -3.42 -24.19 18.12
CA ILE A 250 -4.15 -22.98 17.81
C ILE A 250 -3.98 -22.57 16.34
N VAL A 251 -2.74 -22.54 15.86
CA VAL A 251 -2.45 -22.08 14.49
C VAL A 251 -3.11 -22.99 13.45
N ALA A 252 -3.19 -24.28 13.79
CA ALA A 252 -3.77 -25.29 12.90
C ALA A 252 -5.30 -25.28 12.90
N GLY A 253 -5.91 -24.46 13.75
CA GLY A 253 -7.36 -24.36 13.85
C GLY A 253 -8.02 -25.44 14.70
N ALA A 254 -7.20 -26.26 15.36
CA ALA A 254 -7.66 -27.29 16.30
C ALA A 254 -8.03 -26.74 17.70
N GLU A 255 -7.69 -25.48 17.96
CA GLU A 255 -8.27 -24.72 19.08
C GLU A 255 -8.77 -23.39 18.55
N LYS A 256 -10.03 -23.08 18.88
CA LYS A 256 -10.71 -21.89 18.38
C LYS A 256 -10.39 -20.65 19.25
N VAL A 257 -9.10 -20.44 19.49
CA VAL A 257 -8.58 -19.58 20.55
C VAL A 257 -7.53 -18.64 19.97
N LYS A 258 -7.29 -17.51 20.64
CA LYS A 258 -6.27 -16.58 20.19
C LYS A 258 -4.90 -17.12 20.58
N ILE A 259 -3.88 -16.79 19.80
CA ILE A 259 -2.53 -17.32 20.02
C ILE A 259 -1.96 -16.95 21.38
N TYR A 260 -2.43 -15.84 21.95
CA TYR A 260 -1.92 -15.35 23.23
C TYR A 260 -2.07 -16.31 24.39
N SER A 261 -3.02 -17.23 24.29
CA SER A 261 -3.20 -18.30 25.27
C SER A 261 -1.98 -19.20 25.44
N ALA A 262 -1.17 -19.29 24.38
CA ALA A 262 -0.01 -20.18 24.35
C ALA A 262 1.29 -19.53 24.80
N GLY A 263 1.22 -18.30 25.32
CA GLY A 263 2.41 -17.65 25.86
C GLY A 263 2.20 -16.30 26.52
N GLN A 264 3.19 -15.45 26.40
CA GLN A 264 3.33 -14.22 27.17
C GLN A 264 3.84 -13.10 26.27
N LYS A 265 3.29 -11.90 26.42
CA LYS A 265 3.81 -10.73 25.71
C LYS A 265 5.15 -10.33 26.32
N VAL A 266 6.07 -9.87 25.47
CA VAL A 266 7.38 -9.39 25.91
C VAL A 266 7.83 -8.16 25.09
N THR A 267 8.45 -7.21 25.75
CA THR A 267 8.88 -5.97 25.12
C THR A 267 10.36 -5.72 25.40
N ILE A 268 11.17 -5.44 24.38
CA ILE A 268 12.52 -4.93 24.61
C ILE A 268 12.66 -3.53 24.04
N LYS A 269 13.34 -2.68 24.80
CA LYS A 269 13.68 -1.33 24.38
C LYS A 269 15.16 -1.20 24.07
N LYS A 270 15.47 -0.30 23.14
CA LYS A 270 16.84 0.05 22.79
C LYS A 270 17.52 0.74 23.97
N LEU B 15 14.40 14.83 0.67
CA LEU B 15 13.18 14.30 1.36
C LEU B 15 12.09 15.37 1.44
N TYR B 16 11.43 15.64 0.30
CA TYR B 16 10.39 16.68 0.19
C TYR B 16 8.95 16.11 0.27
N PHE B 17 8.71 15.61 1.47
CA PHE B 17 7.41 15.62 2.12
C PHE B 17 6.66 16.98 1.94
N GLN B 18 7.41 18.09 1.94
CA GLN B 18 6.85 19.44 1.82
C GLN B 18 6.04 19.72 0.53
N GLY B 19 6.34 19.01 -0.56
CA GLY B 19 5.75 19.31 -1.86
C GLY B 19 4.73 18.32 -2.39
N MSE B 20 4.25 17.44 -1.53
CA MSE B 20 3.43 16.33 -1.97
C MSE B 20 2.02 16.67 -2.48
O MSE B 20 1.53 16.02 -3.41
CB MSE B 20 3.33 15.30 -0.87
CG MSE B 20 4.67 14.66 -0.56
SE MSE B 20 4.37 13.07 0.48
CE MSE B 20 3.94 11.95 -0.85
N TRP B 21 1.36 17.67 -1.89
CA TRP B 21 0.08 18.15 -2.44
C TRP B 21 0.25 19.02 -3.68
N GLU B 22 1.49 19.43 -4.01
CA GLU B 22 1.74 20.37 -5.10
C GLU B 22 1.14 19.96 -6.42
N ILE B 23 1.25 18.69 -6.77
CA ILE B 23 0.72 18.21 -8.05
C ILE B 23 -0.79 18.30 -8.09
N TYR B 24 -1.43 18.07 -6.95
CA TYR B 24 -2.87 18.18 -6.83
C TYR B 24 -3.34 19.62 -6.97
N ASP B 25 -2.67 20.50 -6.25
CA ASP B 25 -3.07 21.90 -6.24
C ASP B 25 -2.86 22.54 -7.61
N ALA B 26 -1.83 22.09 -8.32
CA ALA B 26 -1.57 22.52 -9.71
C ALA B 26 -2.72 22.16 -10.64
N MSE B 27 -3.29 20.97 -10.48
CA MSE B 27 -4.47 20.58 -11.24
C MSE B 27 -5.71 21.42 -10.90
O MSE B 27 -6.41 21.92 -11.79
CB MSE B 27 -4.78 19.11 -11.07
CG MSE B 27 -3.71 18.17 -11.53
SE MSE B 27 -4.30 16.30 -11.31
CE MSE B 27 -4.30 16.07 -9.51
N ILE B 28 -5.96 21.58 -9.61
CA ILE B 28 -7.13 22.33 -9.13
C ILE B 28 -7.04 23.80 -9.52
N ASN B 29 -5.86 24.38 -9.43
CA ASN B 29 -5.71 25.82 -9.58
C ASN B 29 -5.90 26.28 -11.04
N GLY B 30 -5.96 25.35 -11.97
CA GLY B 30 -6.14 25.66 -13.39
C GLY B 30 -7.56 25.61 -13.91
N ILE B 31 -8.50 25.24 -13.05
CA ILE B 31 -9.92 25.20 -13.40
C ILE B 31 -10.57 26.57 -13.16
N PRO B 32 -11.07 27.20 -14.23
CA PRO B 32 -11.77 28.48 -14.10
C PRO B 32 -13.11 28.30 -13.39
N GLU B 33 -13.47 29.36 -12.69
CA GLU B 33 -14.68 29.46 -11.87
C GLU B 33 -15.98 29.11 -12.56
N ASP B 34 -16.08 29.45 -13.84
CA ASP B 34 -17.34 29.34 -14.54
C ASP B 34 -17.83 27.92 -14.81
N PHE B 35 -16.93 26.93 -14.73
CA PHE B 35 -17.34 25.55 -14.92
C PHE B 35 -18.03 25.05 -13.66
N LEU B 36 -19.24 24.51 -13.81
CA LEU B 36 -20.01 24.01 -12.68
C LEU B 36 -20.17 22.51 -12.77
N VAL B 37 -20.51 21.90 -11.63
CA VAL B 37 -20.93 20.50 -11.60
C VAL B 37 -22.39 20.41 -12.05
N ASP B 38 -22.58 20.17 -13.34
CA ASP B 38 -23.93 20.11 -13.91
C ASP B 38 -24.59 18.73 -13.70
N GLU B 39 -23.81 17.66 -13.79
CA GLU B 39 -24.26 16.33 -13.42
C GLU B 39 -23.15 15.59 -12.70
N LEU B 40 -23.53 14.76 -11.75
CA LEU B 40 -22.63 13.89 -11.01
C LEU B 40 -23.30 12.57 -10.69
N VAL B 41 -22.68 11.45 -11.09
CA VAL B 41 -23.17 10.13 -10.74
C VAL B 41 -21.98 9.27 -10.28
N CYS B 42 -22.15 8.55 -9.18
CA CYS B 42 -21.21 7.55 -8.73
C CYS B 42 -21.73 6.16 -8.99
N GLY B 43 -21.04 5.44 -9.87
CA GLY B 43 -21.30 4.03 -10.12
C GLY B 43 -20.36 3.15 -9.33
N THR B 44 -20.38 1.84 -9.60
CA THR B 44 -19.53 0.89 -8.86
C THR B 44 -18.03 0.99 -9.22
N THR B 45 -17.74 1.33 -10.47
CA THR B 45 -16.39 1.37 -11.05
C THR B 45 -15.84 2.77 -11.32
N HIS B 46 -16.74 3.71 -11.60
CA HIS B 46 -16.35 5.12 -11.82
C HIS B 46 -17.34 6.09 -11.16
N SER B 47 -16.85 7.29 -10.91
CA SER B 47 -17.60 8.52 -10.76
C SER B 47 -17.49 9.29 -12.06
N VAL B 48 -18.52 10.03 -12.42
CA VAL B 48 -18.55 10.78 -13.66
C VAL B 48 -19.28 12.11 -13.41
N ILE B 49 -18.71 13.17 -13.95
CA ILE B 49 -19.25 14.51 -13.87
C ILE B 49 -19.38 15.07 -15.26
N ARG B 50 -20.50 15.75 -15.53
CA ARG B 50 -20.59 16.64 -16.68
C ARG B 50 -20.52 18.10 -16.23
N SER B 51 -19.74 18.89 -16.96
CA SER B 51 -19.70 20.34 -16.80
C SER B 51 -19.80 20.92 -18.19
N GLY B 52 -20.98 21.42 -18.54
CA GLY B 52 -21.27 21.90 -19.88
C GLY B 52 -21.12 20.79 -20.89
N ASN B 53 -20.20 20.96 -21.84
CA ASN B 53 -19.97 19.94 -22.85
C ASN B 53 -18.92 18.90 -22.49
N GLY B 54 -18.31 19.02 -21.31
CA GLY B 54 -17.22 18.14 -20.95
C GLY B 54 -17.63 17.12 -19.93
N VAL B 55 -17.02 15.95 -20.04
CA VAL B 55 -17.29 14.85 -19.13
C VAL B 55 -15.95 14.28 -18.62
N GLY B 56 -15.87 14.10 -17.32
CA GLY B 56 -14.72 13.53 -16.66
C GLY B 56 -15.07 12.35 -15.78
N LEU B 57 -14.08 11.46 -15.64
CA LEU B 57 -14.20 10.19 -14.95
C LEU B 57 -13.13 10.03 -13.88
N GLY B 58 -13.49 9.37 -12.78
CA GLY B 58 -12.55 8.96 -11.74
C GLY B 58 -12.83 7.54 -11.33
N PRO B 59 -11.79 6.73 -11.09
CA PRO B 59 -11.99 5.34 -10.73
C PRO B 59 -12.47 5.10 -9.32
N ASN B 60 -13.49 4.24 -9.18
CA ASN B 60 -13.98 3.67 -7.91
C ASN B 60 -13.62 2.20 -7.76
N ARG B 61 -13.69 1.71 -6.52
CA ARG B 61 -13.70 0.26 -6.24
C ARG B 61 -15.06 -0.10 -5.66
N PRO B 62 -15.62 -1.26 -6.03
CA PRO B 62 -16.98 -1.65 -5.61
C PRO B 62 -17.22 -1.69 -4.10
N PHE B 63 -16.21 -2.14 -3.34
CA PHE B 63 -16.34 -2.34 -1.89
C PHE B 63 -16.35 -1.05 -1.05
N GLU B 64 -15.98 0.07 -1.67
CA GLU B 64 -15.89 1.37 -0.98
C GLU B 64 -17.27 2.01 -0.70
N THR B 65 -17.32 2.83 0.35
CA THR B 65 -18.58 3.32 0.94
C THR B 65 -19.14 4.55 0.22
N ARG B 66 -20.33 4.40 -0.36
CA ARG B 66 -20.95 5.46 -1.19
C ARG B 66 -21.61 6.57 -0.39
N MSE B 67 -21.73 7.75 -1.02
CA MSE B 67 -21.96 9.00 -0.30
C MSE B 67 -23.01 9.89 -0.97
O MSE B 67 -22.67 10.85 -1.67
CB MSE B 67 -20.64 9.75 -0.20
CG MSE B 67 -19.59 9.00 0.57
SE MSE B 67 -18.02 10.07 0.69
CE MSE B 67 -18.31 10.93 2.47
N PRO B 68 -24.28 9.56 -0.74
CA PRO B 68 -25.39 10.22 -1.44
C PRO B 68 -25.58 11.70 -1.13
N MSE B 69 -25.32 12.13 0.10
CA MSE B 69 -25.54 13.51 0.46
C MSE B 69 -24.43 14.44 -0.06
O MSE B 69 -24.71 15.56 -0.47
CB MSE B 69 -25.71 13.64 1.97
CG MSE B 69 -26.93 12.83 2.50
SE MSE B 69 -28.66 13.28 1.59
CE MSE B 69 -29.00 11.63 0.51
N LEU B 70 -23.20 13.97 -0.07
CA LEU B 70 -22.10 14.71 -0.69
C LEU B 70 -22.39 14.94 -2.17
N THR B 71 -22.82 13.88 -2.82
CA THR B 71 -23.14 13.89 -4.24
C THR B 71 -24.19 14.92 -4.53
N GLN B 72 -25.29 14.89 -3.79
CA GLN B 72 -26.35 15.87 -3.99
C GLN B 72 -25.81 17.28 -3.74
N ASN B 73 -24.99 17.43 -2.69
CA ASN B 73 -24.46 18.71 -2.28
C ASN B 73 -23.54 19.36 -3.29
N LEU B 74 -22.79 18.53 -4.02
CA LEU B 74 -21.82 19.03 -4.97
C LEU B 74 -22.45 19.56 -6.24
N LEU B 75 -23.69 19.13 -6.50
CA LEU B 75 -24.39 19.53 -7.71
C LEU B 75 -24.61 21.04 -7.74
N GLY B 76 -24.20 21.68 -8.83
CA GLY B 76 -24.36 23.11 -9.00
C GLY B 76 -23.20 23.95 -8.48
N LEU B 77 -22.25 23.31 -7.79
CA LEU B 77 -21.12 24.05 -7.26
C LEU B 77 -20.07 24.20 -8.34
N PRO B 78 -19.13 25.13 -8.19
CA PRO B 78 -18.01 25.23 -9.15
C PRO B 78 -17.19 23.94 -9.20
N LEU B 79 -16.79 23.48 -10.39
CA LEU B 79 -15.87 22.37 -10.52
C LEU B 79 -14.61 22.53 -9.69
N ARG B 80 -14.09 23.73 -9.68
CA ARG B 80 -12.87 24.07 -8.98
C ARG B 80 -13.02 23.76 -7.48
N VAL B 81 -14.22 24.00 -6.94
CA VAL B 81 -14.51 23.64 -5.54
C VAL B 81 -14.65 22.10 -5.34
N ALA B 82 -15.43 21.46 -6.20
CA ALA B 82 -15.58 20.00 -6.20
C ALA B 82 -14.25 19.28 -6.35
N ALA B 83 -13.36 19.83 -7.17
CA ALA B 83 -12.03 19.29 -7.38
C ALA B 83 -11.23 19.13 -6.09
N GLY B 84 -11.47 19.98 -5.11
CA GLY B 84 -10.86 19.91 -3.78
C GLY B 84 -11.05 18.55 -3.11
N CYS B 85 -12.13 17.86 -3.48
CA CYS B 85 -12.41 16.52 -3.01
C CYS B 85 -11.36 15.51 -3.38
N VAL B 86 -10.51 15.80 -4.37
CA VAL B 86 -9.51 14.85 -4.85
C VAL B 86 -8.51 14.44 -3.74
N LYS B 87 -8.34 15.30 -2.73
CA LYS B 87 -7.43 15.08 -1.62
C LYS B 87 -7.98 14.28 -0.48
N SER B 88 -9.27 13.90 -0.55
CA SER B 88 -9.91 13.13 0.51
C SER B 88 -9.30 11.71 0.69
N TRP B 89 -9.20 11.28 1.95
CA TRP B 89 -8.84 9.90 2.28
C TRP B 89 -10.05 8.97 2.15
N ASN B 90 -11.22 9.52 1.83
CA ASN B 90 -12.38 8.73 1.40
C ASN B 90 -12.28 8.58 -0.10
N TYR B 91 -12.03 7.37 -0.58
CA TYR B 91 -11.64 7.24 -1.99
C TYR B 91 -12.83 7.45 -2.96
N VAL B 92 -14.04 7.24 -2.50
CA VAL B 92 -15.21 7.64 -3.30
C VAL B 92 -15.24 9.17 -3.51
N GLU B 93 -15.05 9.91 -2.43
CA GLU B 93 -14.96 11.34 -2.50
C GLU B 93 -13.80 11.80 -3.39
N ALA B 94 -12.62 11.21 -3.21
CA ALA B 94 -11.48 11.45 -4.06
C ALA B 94 -11.74 11.17 -5.52
N SER B 95 -12.46 10.11 -5.84
CA SER B 95 -12.80 9.78 -7.23
CA SER B 95 -12.81 9.78 -7.22
C SER B 95 -13.69 10.87 -7.85
N ILE B 96 -14.62 11.39 -7.08
CA ILE B 96 -15.47 12.53 -7.49
C ILE B 96 -14.59 13.74 -7.79
N GLY B 97 -13.62 14.00 -6.93
CA GLY B 97 -12.67 15.08 -7.15
C GLY B 97 -11.96 14.96 -8.47
N LEU B 98 -11.50 13.75 -8.79
CA LEU B 98 -10.77 13.52 -10.01
C LEU B 98 -11.65 13.68 -11.24
N ALA B 99 -12.88 13.21 -11.16
CA ALA B 99 -13.89 13.41 -12.21
C ALA B 99 -14.18 14.89 -12.47
N ALA B 100 -14.20 15.71 -11.41
CA ALA B 100 -14.33 17.17 -11.53
C ALA B 100 -13.14 17.78 -12.24
N ILE B 101 -11.92 17.39 -11.82
CA ILE B 101 -10.72 17.84 -12.52
C ILE B 101 -10.81 17.51 -14.01
N ASN B 102 -11.19 16.27 -14.34
CA ASN B 102 -11.22 15.80 -15.73
C ASN B 102 -12.35 16.37 -16.57
N ALA B 103 -13.45 16.75 -15.92
CA ALA B 103 -14.56 17.38 -16.64
C ALA B 103 -14.09 18.70 -17.23
N TYR B 104 -13.09 19.36 -16.62
CA TYR B 104 -12.48 20.55 -17.21
C TYR B 104 -11.43 20.19 -18.25
N TYR B 105 -10.36 19.52 -17.83
CA TYR B 105 -9.19 19.29 -18.70
C TYR B 105 -9.50 18.42 -19.93
N ASN B 106 -10.42 17.46 -19.76
CA ASN B 106 -10.80 16.55 -20.83
C ASN B 106 -12.06 16.93 -21.58
N ASN B 107 -12.54 18.15 -21.36
CA ASN B 107 -13.55 18.81 -22.21
C ASN B 107 -12.88 18.96 -23.57
N PRO B 108 -13.52 18.56 -24.67
CA PRO B 108 -12.85 18.56 -25.97
C PRO B 108 -12.35 19.96 -26.43
N GLN B 109 -13.09 21.02 -26.14
CA GLN B 109 -12.68 22.39 -26.46
C GLN B 109 -11.50 22.83 -25.62
N VAL B 110 -11.54 22.51 -24.33
CA VAL B 110 -10.45 22.83 -23.43
C VAL B 110 -9.19 22.07 -23.84
N ALA B 111 -9.33 20.76 -24.05
CA ALA B 111 -8.20 19.89 -24.41
C ALA B 111 -7.53 20.32 -25.70
N ARG B 112 -8.32 20.72 -26.70
CA ARG B 112 -7.78 21.23 -27.97
C ARG B 112 -7.05 22.55 -27.77
N GLU B 113 -7.64 23.41 -26.94
CA GLU B 113 -7.05 24.68 -26.52
C GLU B 113 -5.68 24.45 -25.86
N HIS B 114 -5.52 23.31 -25.18
CA HIS B 114 -4.24 22.94 -24.56
C HIS B 114 -3.35 22.05 -25.46
N GLY B 115 -3.69 21.93 -26.74
CA GLY B 115 -2.86 21.22 -27.72
C GLY B 115 -3.03 19.71 -27.82
N VAL B 116 -4.13 19.16 -27.33
CA VAL B 116 -4.47 17.76 -27.59
C VAL B 116 -5.07 17.67 -29.00
N ILE B 117 -4.63 16.67 -29.79
CA ILE B 117 -5.11 16.47 -31.17
C ILE B 117 -6.00 15.22 -31.27
N PHE B 118 -7.20 15.39 -31.83
CA PHE B 118 -8.15 14.29 -32.03
C PHE B 118 -9.26 14.60 -33.06
N SER B 119 -10.07 13.60 -33.38
CA SER B 119 -11.21 13.78 -34.28
C SER B 119 -12.53 13.71 -33.52
N ASP B 120 -13.53 14.44 -34.01
CA ASP B 120 -14.92 14.22 -33.58
C ASP B 120 -15.48 13.11 -34.46
N ALA B 121 -15.96 12.02 -33.85
CA ALA B 121 -16.35 10.81 -34.59
C ALA B 121 -17.29 9.92 -33.77
N MSE B 134 2.35 1.58 -28.79
CA MSE B 134 2.92 2.62 -29.64
C MSE B 134 4.34 3.03 -29.19
O MSE B 134 5.18 3.35 -30.04
CB MSE B 134 2.00 3.85 -29.68
N SER B 135 4.60 3.01 -27.88
CA SER B 135 5.94 3.25 -27.33
C SER B 135 6.91 2.22 -27.89
N GLN B 136 6.65 0.95 -27.59
CA GLN B 136 7.14 -0.20 -28.38
C GLN B 136 8.62 -0.19 -28.81
N ASN B 137 8.96 0.65 -29.78
CA ASN B 137 10.35 0.77 -30.22
C ASN B 137 11.27 1.27 -29.10
N GLU B 138 10.87 2.34 -28.42
CA GLU B 138 11.71 2.99 -27.42
C GLU B 138 12.07 2.09 -26.21
N VAL B 139 11.12 1.24 -25.80
CA VAL B 139 11.28 0.42 -24.59
C VAL B 139 11.94 -0.92 -24.86
N LYS B 140 12.12 -1.28 -26.13
CA LYS B 140 12.73 -2.56 -26.50
C LYS B 140 14.03 -2.77 -25.70
N GLY B 141 14.11 -3.91 -24.99
CA GLY B 141 15.29 -4.30 -24.24
C GLY B 141 15.49 -3.62 -22.90
N LYS B 142 14.61 -2.69 -22.53
CA LYS B 142 14.82 -1.88 -21.34
C LYS B 142 14.01 -2.44 -20.15
N LYS B 143 14.24 -1.89 -18.95
CA LYS B 143 13.47 -2.30 -17.79
C LYS B 143 12.23 -1.42 -17.76
N VAL B 144 11.05 -2.04 -17.74
CA VAL B 144 9.78 -1.30 -17.72
C VAL B 144 8.96 -1.73 -16.51
N GLY B 145 8.52 -0.74 -15.73
CA GLY B 145 7.62 -0.98 -14.61
C GLY B 145 6.24 -0.44 -14.97
N VAL B 146 5.22 -1.23 -14.72
CA VAL B 146 3.83 -0.82 -14.87
C VAL B 146 3.11 -0.98 -13.51
N VAL B 147 2.51 0.09 -13.02
CA VAL B 147 1.70 0.08 -11.80
C VAL B 147 0.26 0.15 -12.25
N GLY B 148 -0.49 -0.91 -11.99
CA GLY B 148 -1.90 -0.97 -12.34
C GLY B 148 -2.15 -2.17 -13.23
N HIS B 149 -3.43 -2.41 -13.51
CA HIS B 149 -3.88 -3.58 -14.26
C HIS B 149 -4.26 -3.13 -15.68
N PHE B 150 -3.39 -3.39 -16.64
CA PHE B 150 -3.57 -2.97 -18.02
C PHE B 150 -3.22 -4.14 -18.90
N PRO B 151 -4.14 -5.08 -19.07
CA PRO B 151 -3.84 -6.37 -19.73
C PRO B 151 -3.37 -6.22 -21.18
N HIS B 152 -3.88 -5.22 -21.89
CA HIS B 152 -3.49 -4.99 -23.28
C HIS B 152 -2.09 -4.39 -23.39
N LEU B 153 -1.76 -3.53 -22.44
CA LEU B 153 -0.41 -2.99 -22.34
C LEU B 153 0.61 -4.07 -21.92
N GLU B 154 0.18 -4.99 -21.06
CA GLU B 154 1.01 -6.11 -20.63
C GLU B 154 1.51 -6.89 -21.83
N SER B 155 0.60 -7.26 -22.73
CA SER B 155 0.91 -8.12 -23.86
C SER B 155 1.84 -7.47 -24.89
N LEU B 156 1.63 -6.19 -25.19
CA LEU B 156 2.52 -5.44 -26.07
C LEU B 156 3.96 -5.38 -25.52
N LEU B 157 4.10 -5.19 -24.22
CA LEU B 157 5.41 -4.93 -23.62
C LEU B 157 6.22 -6.17 -23.22
N GLU B 158 5.55 -7.23 -22.77
CA GLU B 158 6.24 -8.39 -22.18
C GLU B 158 7.25 -9.08 -23.09
N PRO B 159 6.90 -9.34 -24.35
CA PRO B 159 7.83 -10.01 -25.27
C PRO B 159 9.09 -9.19 -25.61
N ILE B 160 8.99 -7.86 -25.53
CA ILE B 160 10.04 -6.97 -26.02
C ILE B 160 10.87 -6.26 -24.95
N CYS B 161 10.59 -6.52 -23.67
CA CYS B 161 11.33 -5.83 -22.61
C CYS B 161 11.30 -6.60 -21.30
N ASP B 162 12.11 -6.13 -20.36
CA ASP B 162 12.11 -6.71 -19.03
C ASP B 162 11.00 -6.02 -18.20
N LEU B 163 9.79 -6.59 -18.26
CA LEU B 163 8.59 -5.99 -17.68
C LEU B 163 8.32 -6.49 -16.25
N SER B 164 8.06 -5.53 -15.35
CA SER B 164 7.51 -5.76 -14.01
C SER B 164 6.18 -5.09 -13.86
N ILE B 165 5.17 -5.85 -13.43
CA ILE B 165 3.82 -5.33 -13.16
C ILE B 165 3.58 -5.33 -11.66
N LEU B 166 3.11 -4.19 -11.17
CA LEU B 166 2.82 -3.95 -9.77
C LEU B 166 1.35 -3.60 -9.67
N GLU B 167 0.60 -4.35 -8.89
CA GLU B 167 -0.82 -4.05 -8.77
C GLU B 167 -1.33 -4.37 -7.37
N TRP B 168 -2.49 -3.84 -7.03
CA TRP B 168 -3.07 -3.96 -5.69
C TRP B 168 -3.31 -5.41 -5.33
N SER B 169 -3.87 -6.16 -6.27
CA SER B 169 -4.08 -7.57 -6.09
C SER B 169 -3.47 -8.32 -7.25
N PRO B 170 -2.19 -8.68 -7.13
CA PRO B 170 -1.44 -9.18 -8.28
C PRO B 170 -1.83 -10.58 -8.73
N GLU B 171 -1.52 -10.86 -9.99
CA GLU B 171 -1.72 -12.19 -10.55
C GLU B 171 -0.38 -12.89 -10.54
N GLU B 172 -0.23 -13.98 -11.29
CA GLU B 172 0.77 -15.00 -11.00
C GLU B 172 2.21 -14.51 -10.91
N GLY B 173 2.69 -13.88 -11.98
CA GLY B 173 4.06 -13.40 -12.00
C GLY B 173 4.19 -11.92 -11.64
N ASP B 174 3.13 -11.33 -11.08
CA ASP B 174 3.11 -9.92 -10.72
C ASP B 174 3.41 -9.63 -9.26
N TYR B 175 3.74 -8.37 -9.00
CA TYR B 175 4.17 -7.87 -7.70
C TYR B 175 3.04 -7.12 -7.01
N PRO B 176 2.97 -7.19 -5.67
CA PRO B 176 2.10 -6.29 -4.94
C PRO B 176 2.73 -4.88 -4.89
N LEU B 177 1.92 -3.91 -4.53
CA LEU B 177 2.31 -2.49 -4.62
C LEU B 177 3.52 -2.06 -3.81
N PRO B 178 3.74 -2.60 -2.61
CA PRO B 178 4.96 -2.28 -1.86
C PRO B 178 6.31 -2.60 -2.60
N ALA B 179 6.30 -3.44 -3.63
CA ALA B 179 7.51 -3.68 -4.44
C ALA B 179 7.93 -2.44 -5.25
N SER B 180 7.08 -1.41 -5.31
CA SER B 180 7.37 -0.14 -6.00
C SER B 180 8.70 0.45 -5.52
N GLU B 181 8.91 0.38 -4.21
CA GLU B 181 10.08 0.92 -3.56
C GLU B 181 11.34 0.19 -4.01
N PHE B 182 11.19 -1.10 -4.29
CA PHE B 182 12.30 -1.95 -4.70
C PHE B 182 12.52 -1.97 -6.22
N ILE B 183 11.47 -1.78 -7.00
CA ILE B 183 11.56 -2.01 -8.46
C ILE B 183 11.71 -0.72 -9.23
N LEU B 184 10.92 0.28 -8.88
CA LEU B 184 10.77 1.45 -9.74
C LEU B 184 12.06 2.24 -9.90
N PRO B 185 12.86 2.41 -8.84
CA PRO B 185 14.16 3.08 -9.00
C PRO B 185 15.05 2.49 -10.10
N GLU B 186 14.82 1.23 -10.46
CA GLU B 186 15.63 0.54 -11.46
C GLU B 186 15.08 0.62 -12.89
N CYS B 187 13.91 1.22 -13.08
CA CYS B 187 13.21 1.17 -14.36
C CYS B 187 13.60 2.32 -15.29
N ASP B 188 13.80 2.00 -16.56
CA ASP B 188 14.07 2.99 -17.60
C ASP B 188 12.79 3.69 -18.04
N TYR B 189 11.68 2.96 -18.09
CA TYR B 189 10.37 3.51 -18.41
C TYR B 189 9.36 3.08 -17.37
N VAL B 190 8.43 3.97 -17.03
CA VAL B 190 7.42 3.68 -16.01
C VAL B 190 6.04 4.15 -16.50
N TYR B 191 5.03 3.31 -16.29
CA TYR B 191 3.62 3.61 -16.59
C TYR B 191 2.87 3.47 -15.30
N ILE B 192 2.14 4.50 -14.90
CA ILE B 192 1.42 4.54 -13.63
C ILE B 192 -0.06 4.79 -13.90
N THR B 193 -0.90 3.92 -13.37
CA THR B 193 -2.35 4.13 -13.42
C THR B 193 -2.79 5.44 -12.79
N CYS B 194 -3.76 6.08 -13.44
CA CYS B 194 -4.35 7.32 -12.93
C CYS B 194 -5.11 7.10 -11.60
N ALA B 195 -5.42 5.87 -11.25
CA ALA B 195 -5.96 5.57 -9.89
C ALA B 195 -5.01 5.95 -8.76
N SER B 196 -3.74 6.11 -9.09
CA SER B 196 -2.73 6.67 -8.19
C SER B 196 -3.02 8.07 -7.69
N VAL B 197 -3.68 8.86 -8.52
CA VAL B 197 -4.16 10.20 -8.15
C VAL B 197 -5.18 10.12 -7.02
N VAL B 198 -6.15 9.23 -7.19
CA VAL B 198 -7.21 9.01 -6.23
C VAL B 198 -6.68 8.52 -4.89
N ASP B 199 -5.79 7.53 -4.89
CA ASP B 199 -5.31 6.96 -3.62
C ASP B 199 -4.08 7.64 -3.00
N LYS B 200 -3.59 8.68 -3.67
CA LYS B 200 -2.48 9.53 -3.20
C LYS B 200 -1.15 8.75 -3.14
N THR B 201 -1.03 7.69 -3.92
CA THR B 201 0.27 7.01 -4.12
C THR B 201 1.12 7.74 -5.16
N LEU B 202 0.47 8.55 -5.98
CA LEU B 202 1.15 9.18 -7.09
C LEU B 202 2.42 9.97 -6.71
N PRO B 203 2.42 10.86 -5.72
CA PRO B 203 3.65 11.57 -5.40
C PRO B 203 4.87 10.66 -5.07
N ARG B 204 4.70 9.62 -4.25
CA ARG B 204 5.81 8.75 -3.92
C ARG B 204 6.24 7.96 -5.15
N LEU B 205 5.28 7.56 -5.97
CA LEU B 205 5.63 6.83 -7.19
C LEU B 205 6.48 7.68 -8.16
N LEU B 206 6.19 8.98 -8.29
CA LEU B 206 6.94 9.86 -9.20
C LEU B 206 8.36 10.08 -8.68
N GLU B 207 8.50 10.12 -7.36
CA GLU B 207 9.79 10.24 -6.73
C GLU B 207 10.64 8.97 -6.95
N LEU B 208 10.07 7.79 -6.74
CA LEU B 208 10.78 6.55 -6.96
C LEU B 208 11.18 6.40 -8.44
N SER B 209 10.37 6.94 -9.34
CA SER B 209 10.55 6.79 -10.78
C SER B 209 11.31 7.96 -11.42
N ARG B 210 11.84 8.88 -10.62
CA ARG B 210 12.25 10.16 -11.18
C ARG B 210 13.41 10.05 -12.17
N ASN B 211 14.29 9.09 -11.94
CA ASN B 211 15.38 8.81 -12.86
C ASN B 211 15.02 7.96 -14.08
N ALA B 212 13.73 7.73 -14.31
CA ALA B 212 13.26 7.08 -15.52
C ALA B 212 13.43 8.00 -16.71
N ARG B 213 13.62 7.41 -17.89
CA ARG B 213 13.68 8.20 -19.12
C ARG B 213 12.33 8.88 -19.36
N ARG B 214 11.25 8.15 -19.09
CA ARG B 214 9.89 8.64 -19.29
CA ARG B 214 9.89 8.64 -19.29
C ARG B 214 8.93 7.99 -18.31
N ILE B 215 8.07 8.82 -17.70
CA ILE B 215 6.97 8.35 -16.84
C ILE B 215 5.67 8.78 -17.51
N THR B 216 4.77 7.83 -17.64
CA THR B 216 3.46 8.03 -18.25
C THR B 216 2.35 7.76 -17.24
N LEU B 217 1.42 8.70 -17.11
CA LEU B 217 0.18 8.46 -16.36
C LEU B 217 -0.85 7.90 -17.32
N VAL B 218 -1.54 6.82 -16.95
CA VAL B 218 -2.37 6.05 -17.89
C VAL B 218 -3.74 5.68 -17.37
N GLY B 219 -4.75 5.82 -18.23
CA GLY B 219 -6.08 5.36 -17.92
C GLY B 219 -7.15 6.42 -18.20
N PRO B 220 -8.43 6.01 -18.15
CA PRO B 220 -9.54 6.94 -18.42
C PRO B 220 -9.64 8.13 -17.46
N GLY B 221 -9.14 7.99 -16.24
CA GLY B 221 -9.14 9.06 -15.25
C GLY B 221 -7.93 9.96 -15.26
N THR B 222 -7.16 9.89 -16.35
CA THR B 222 -5.95 10.69 -16.51
C THR B 222 -6.33 12.11 -16.95
N PRO B 223 -6.00 13.13 -16.16
CA PRO B 223 -6.17 14.52 -16.62
C PRO B 223 -5.24 14.84 -17.79
N LEU B 224 -5.80 15.40 -18.84
CA LEU B 224 -5.03 15.82 -20.01
C LEU B 224 -4.55 17.26 -19.80
N ALA B 225 -3.71 17.42 -18.78
CA ALA B 225 -3.33 18.68 -18.17
C ALA B 225 -1.81 18.84 -18.29
N PRO B 226 -1.35 19.58 -19.31
CA PRO B 226 0.09 19.78 -19.53
C PRO B 226 0.86 20.33 -18.35
N VAL B 227 0.20 20.98 -17.38
CA VAL B 227 0.88 21.39 -16.15
C VAL B 227 1.55 20.20 -15.43
N LEU B 228 1.04 18.99 -15.65
CA LEU B 228 1.62 17.79 -15.03
C LEU B 228 3.03 17.51 -15.51
N PHE B 229 3.38 18.02 -16.69
CA PHE B 229 4.74 17.92 -17.20
C PHE B 229 5.78 18.74 -16.41
N GLU B 230 5.31 19.72 -15.62
CA GLU B 230 6.19 20.46 -14.70
C GLU B 230 6.22 19.79 -13.31
N HIS B 231 5.57 18.65 -13.19
CA HIS B 231 5.47 17.95 -11.91
C HIS B 231 5.87 16.49 -12.02
N GLY B 232 6.82 16.21 -12.89
CA GLY B 232 7.51 14.93 -12.94
C GLY B 232 6.85 13.84 -13.78
N LEU B 233 6.01 14.24 -14.73
CA LEU B 233 5.46 13.32 -15.72
C LEU B 233 5.87 13.80 -17.10
N GLN B 234 6.09 12.85 -18.01
CA GLN B 234 6.47 13.20 -19.38
C GLN B 234 5.48 12.70 -20.44
N GLU B 235 4.43 12.00 -20.02
CA GLU B 235 3.40 11.58 -20.94
C GLU B 235 2.12 11.25 -20.20
N LEU B 236 1.00 11.54 -20.86
CA LEU B 236 -0.31 11.36 -20.31
C LEU B 236 -1.10 10.62 -21.37
N SER B 237 -1.54 9.41 -21.03
CA SER B 237 -2.27 8.58 -21.97
C SER B 237 -3.65 8.38 -21.41
N GLY B 238 -4.61 9.19 -21.88
CA GLY B 238 -5.95 9.14 -21.38
C GLY B 238 -7.00 8.90 -22.42
N PHE B 239 -8.10 9.63 -22.27
CA PHE B 239 -9.34 9.28 -22.90
C PHE B 239 -10.22 10.53 -23.03
N MSE B 240 -10.82 10.68 -24.19
CA MSE B 240 -11.71 11.80 -24.47
C MSE B 240 -13.10 11.21 -24.65
O MSE B 240 -13.34 10.45 -25.60
CB MSE B 240 -11.24 12.46 -25.75
CG MSE B 240 -12.18 13.48 -26.36
SE MSE B 240 -12.44 14.87 -25.07
CE MSE B 240 -10.43 15.47 -25.07
N VAL B 241 -14.03 11.56 -23.77
CA VAL B 241 -15.44 11.22 -23.98
C VAL B 241 -15.99 12.00 -25.17
N LYS B 242 -16.51 11.27 -26.14
CA LYS B 242 -17.22 11.83 -27.31
C LYS B 242 -18.74 11.58 -27.30
N ASP B 243 -19.23 10.75 -26.39
CA ASP B 243 -20.66 10.49 -26.28
C ASP B 243 -21.02 10.58 -24.81
N ASN B 244 -21.38 11.79 -24.39
CA ASN B 244 -21.61 12.12 -23.00
C ASN B 244 -22.73 11.28 -22.38
N ALA B 245 -23.85 11.16 -23.08
CA ALA B 245 -25.00 10.35 -22.62
C ALA B 245 -24.60 8.92 -22.34
N ARG B 246 -23.90 8.32 -23.30
CA ARG B 246 -23.47 6.95 -23.18
C ARG B 246 -22.56 6.78 -21.98
N ALA B 247 -21.60 7.69 -21.82
CA ALA B 247 -20.73 7.66 -20.64
C ALA B 247 -21.54 7.55 -19.33
N PHE B 248 -22.61 8.32 -19.21
CA PHE B 248 -23.43 8.35 -17.99
C PHE B 248 -24.23 7.06 -17.81
N ARG B 249 -24.74 6.52 -18.91
CA ARG B 249 -25.33 5.17 -18.88
C ARG B 249 -24.38 4.07 -18.44
N ILE B 250 -23.17 4.07 -18.96
CA ILE B 250 -22.20 3.05 -18.58
C ILE B 250 -21.92 3.11 -17.07
N VAL B 251 -21.77 4.33 -16.55
CA VAL B 251 -21.49 4.53 -15.13
C VAL B 251 -22.75 4.30 -14.28
N ALA B 252 -23.89 4.82 -14.72
CA ALA B 252 -25.13 4.69 -13.97
C ALA B 252 -25.66 3.24 -13.96
N GLY B 253 -24.76 2.26 -14.16
CA GLY B 253 -25.05 0.85 -13.98
C GLY B 253 -25.49 0.17 -15.27
N ALA B 254 -26.20 0.91 -16.13
CA ALA B 254 -26.87 0.37 -17.33
C ALA B 254 -25.98 0.21 -18.57
N GLU B 255 -24.73 -0.20 -18.37
CA GLU B 255 -23.97 -0.88 -19.40
C GLU B 255 -22.78 -1.56 -18.68
N LYS B 256 -22.87 -2.88 -18.46
CA LYS B 256 -21.75 -3.68 -17.89
C LYS B 256 -20.66 -3.85 -18.96
N VAL B 257 -19.92 -2.78 -19.13
CA VAL B 257 -19.29 -2.39 -20.38
C VAL B 257 -18.14 -1.45 -20.05
N LYS B 258 -17.06 -1.52 -20.82
CA LYS B 258 -15.91 -0.65 -20.60
C LYS B 258 -16.24 0.78 -21.04
N ILE B 259 -15.69 1.73 -20.30
CA ILE B 259 -15.96 3.13 -20.54
C ILE B 259 -15.42 3.60 -21.91
N TYR B 260 -14.45 2.85 -22.44
CA TYR B 260 -13.82 3.17 -23.73
C TYR B 260 -14.75 3.16 -24.95
N SER B 261 -15.94 2.58 -24.81
CA SER B 261 -16.93 2.59 -25.89
C SER B 261 -17.57 3.98 -26.10
N ALA B 262 -17.42 4.87 -25.13
CA ALA B 262 -17.99 6.24 -25.17
C ALA B 262 -17.03 7.33 -25.69
N GLY B 263 -15.85 6.95 -26.18
CA GLY B 263 -14.90 7.96 -26.64
C GLY B 263 -13.66 7.40 -27.31
N GLN B 264 -12.56 8.12 -27.16
CA GLN B 264 -11.34 7.87 -27.93
C GLN B 264 -10.15 8.00 -27.01
N LYS B 265 -9.24 7.05 -27.06
CA LYS B 265 -7.97 7.19 -26.39
C LYS B 265 -7.16 8.34 -27.00
N VAL B 266 -6.54 9.12 -26.14
CA VAL B 266 -5.68 10.25 -26.52
C VAL B 266 -4.45 10.27 -25.64
N THR B 267 -3.33 10.70 -26.21
CA THR B 267 -2.07 10.78 -25.51
C THR B 267 -1.44 12.12 -25.84
N ILE B 268 -0.89 12.79 -24.83
CA ILE B 268 0.05 13.90 -25.07
C ILE B 268 1.37 13.65 -24.39
N LYS B 269 2.42 14.19 -24.99
CA LYS B 269 3.80 14.01 -24.54
C LYS B 269 4.39 15.39 -24.17
N LYS B 270 5.33 15.40 -23.24
CA LYS B 270 6.07 16.60 -22.89
C LYS B 270 6.94 17.03 -24.07
CL CL C . -3.40 -3.16 8.06
N1 IMD D . -0.16 -3.12 7.60
C2 IMD D . 0.90 -3.96 7.56
N3 IMD D . 1.75 -3.53 6.61
C4 IMD D . 1.24 -2.41 6.06
C5 IMD D . 0.02 -2.15 6.68
N1 IMD E . 0.94 -8.80 5.43
C2 IMD E . 0.71 -9.67 6.45
N3 IMD E . 0.17 -10.80 5.95
C4 IMD E . 0.04 -10.65 4.60
C5 IMD E . 0.53 -9.38 4.29
C1 EDO F . 2.32 -7.77 21.15
O1 EDO F . 1.66 -9.01 20.92
C2 EDO F . 2.37 -7.39 22.63
O2 EDO F . 3.70 -7.26 23.14
C1 EDO G . -0.38 -5.15 21.81
O1 EDO G . -0.30 -5.60 23.15
C2 EDO G . -1.02 -6.21 20.94
O2 EDO G . -2.32 -5.82 20.63
CL CL H . -3.57 -1.68 -8.99
N1 IMD I . -2.86 1.38 -7.53
C2 IMD I . -3.54 2.54 -7.46
N3 IMD I . -2.65 3.52 -7.31
C4 IMD I . -1.40 3.01 -7.27
C5 IMD I . -1.54 1.66 -7.41
N1 IMD J . -10.02 3.87 -6.72
C2 IMD J . -8.73 3.73 -7.11
N3 IMD J . -7.93 3.75 -6.02
C4 IMD J . -8.72 3.90 -4.93
C5 IMD J . -10.04 3.98 -5.37
C1 EDO K . -25.30 12.94 -20.08
O1 EDO K . -25.31 13.88 -21.14
C2 EDO K . -25.05 13.66 -18.78
O2 EDO K . -25.86 14.80 -18.71
C1 EDO L . 2.10 19.87 1.01
O1 EDO L . 2.36 20.28 -0.31
C2 EDO L . 2.87 18.61 1.36
O2 EDO L . 2.87 18.38 2.75
C1 EDO M . -13.45 34.26 -12.74
O1 EDO M . -14.69 34.63 -12.18
C2 EDO M . -13.60 34.22 -14.24
O2 EDO M . -13.65 32.88 -14.68
C1 EDO N . -5.86 0.32 -13.23
O1 EDO N . -5.75 1.32 -12.23
C2 EDO N . -6.21 -0.97 -12.56
O2 EDO N . -5.28 -1.22 -11.51
#